data_1AEG
#
_entry.id   1AEG
#
_cell.length_a   108.000
_cell.length_b   77.300
_cell.length_c   51.800
_cell.angle_alpha   90.00
_cell.angle_beta   90.00
_cell.angle_gamma   90.00
#
_symmetry.space_group_name_H-M   'P 21 21 21'
#
loop_
_entity.id
_entity.type
_entity.pdbx_description
1 polymer 'CYTOCHROME C PEROXIDASE'
2 non-polymer 'PROTOPORPHYRIN IX CONTAINING FE'
3 non-polymer 4-AMINOPYRIDINE
4 water water
#
_entity_poly.entity_id   1
_entity_poly.type   'polypeptide(L)'
_entity_poly.pdbx_seq_one_letter_code
;MKTLVHVASVEKGRSYEDFQKVYNAIALKLREDDEYDNYIGYGPVLVRLAWHISGTWDKHDNTGGSYGGTYRFKKEFNDP
SNAGLQNGFKFLEPIHKEFPWISSGDLFSLGGVTAVQEMQGPKIPWRCGRVDTPEDTTPDNGRLPDADKDAGYVRTFFQR
LNMNDREVVALMGAHALGKTHLKNSGYEGPGGAANNVFTNEFYLNLLNEDWKLEKNDANNEQWDSKSGYMMLPTDYSLIQ
DPKYLSIVKEYANDQDKFFKDFSKAFEKLLEDGITFPKDAPSPFIFKTLEEQGL
;
_entity_poly.pdbx_strand_id   A
#
loop_
_chem_comp.id
_chem_comp.type
_chem_comp.name
_chem_comp.formula
4AP non-polymer 4-AMINOPYRIDINE 'C5 H7 N2 1'
HEM non-polymer 'PROTOPORPHYRIN IX CONTAINING FE' 'C34 H32 Fe N4 O4'
#
# COMPACT_ATOMS: atom_id res chain seq x y z
N LEU A 4 0.42 8.62 23.37
CA LEU A 4 1.56 7.93 22.78
C LEU A 4 2.42 8.76 21.85
N VAL A 5 3.69 9.02 22.18
CA VAL A 5 4.53 9.79 21.27
C VAL A 5 5.57 8.85 20.67
N HIS A 6 5.78 8.99 19.38
CA HIS A 6 6.72 8.14 18.67
C HIS A 6 7.67 9.01 17.91
N VAL A 7 8.90 9.10 18.42
CA VAL A 7 9.85 9.98 17.76
C VAL A 7 10.81 9.21 16.85
N ALA A 8 10.85 9.68 15.62
CA ALA A 8 11.75 9.15 14.62
C ALA A 8 13.23 9.27 15.01
N SER A 9 13.97 8.16 15.03
CA SER A 9 15.39 8.12 15.36
C SER A 9 16.23 7.53 14.22
N VAL A 10 17.00 8.32 13.46
CA VAL A 10 17.77 7.78 12.33
C VAL A 10 18.72 6.68 12.81
N GLU A 11 18.67 5.54 12.11
CA GLU A 11 19.61 4.42 12.35
C GLU A 11 21.06 4.94 12.42
N LYS A 12 21.86 4.51 13.41
CA LYS A 12 23.14 5.18 13.66
C LYS A 12 24.13 5.34 12.52
N GLY A 13 24.36 6.61 12.27
CA GLY A 13 25.34 7.03 11.27
C GLY A 13 24.90 6.79 9.84
N ARG A 14 23.68 6.29 9.61
CA ARG A 14 23.20 6.11 8.24
C ARG A 14 22.76 7.40 7.55
N SER A 15 22.91 7.51 6.24
CA SER A 15 22.46 8.67 5.46
C SER A 15 21.82 8.23 4.13
N TYR A 16 21.49 9.13 3.20
CA TYR A 16 20.91 8.79 1.93
C TYR A 16 21.48 7.60 1.16
N GLU A 17 22.79 7.53 1.06
CA GLU A 17 23.44 6.47 0.28
C GLU A 17 23.20 5.06 0.79
N ASP A 18 23.05 4.92 2.11
CA ASP A 18 22.76 3.62 2.73
C ASP A 18 21.39 3.09 2.35
N PHE A 19 20.41 3.97 2.42
CA PHE A 19 19.02 3.63 2.09
C PHE A 19 18.84 3.43 0.58
N GLN A 20 19.56 4.19 -0.24
CA GLN A 20 19.54 3.97 -1.68
C GLN A 20 20.13 2.60 -1.99
N LYS A 21 21.09 2.10 -1.19
CA LYS A 21 21.56 0.73 -1.36
C LYS A 21 20.47 -0.30 -1.02
N VAL A 22 19.71 -0.09 0.05
CA VAL A 22 18.59 -0.97 0.37
C VAL A 22 17.49 -0.89 -0.71
N TYR A 23 17.07 0.29 -1.17
CA TYR A 23 16.21 0.47 -2.33
C TYR A 23 16.65 -0.39 -3.54
N ASN A 24 17.90 -0.18 -4.00
CA ASN A 24 18.44 -0.93 -5.12
C ASN A 24 18.41 -2.42 -4.90
N ALA A 25 18.65 -2.91 -3.70
CA ALA A 25 18.54 -4.33 -3.41
C ALA A 25 17.14 -4.90 -3.62
N ILE A 26 16.13 -4.22 -3.06
CA ILE A 26 14.71 -4.58 -3.25
C ILE A 26 14.33 -4.54 -4.75
N ALA A 27 14.68 -3.45 -5.44
CA ALA A 27 14.41 -3.25 -6.85
C ALA A 27 15.06 -4.25 -7.79
N LEU A 28 16.27 -4.69 -7.44
CA LEU A 28 16.98 -5.72 -8.18
C LEU A 28 16.31 -7.07 -7.98
N LYS A 29 15.85 -7.35 -6.75
CA LYS A 29 15.15 -8.62 -6.53
C LYS A 29 13.73 -8.60 -7.16
N LEU A 30 13.05 -7.44 -7.26
CA LEU A 30 11.77 -7.33 -7.96
C LEU A 30 11.88 -7.69 -9.45
N ARG A 31 13.00 -7.35 -10.04
CA ARG A 31 13.32 -7.68 -11.43
C ARG A 31 13.68 -9.17 -11.60
N GLU A 32 14.43 -9.69 -10.65
CA GLU A 32 14.84 -11.09 -10.64
C GLU A 32 13.72 -12.08 -10.36
N ASP A 33 12.96 -11.92 -9.28
CA ASP A 33 11.85 -12.82 -8.98
C ASP A 33 10.52 -12.46 -9.65
N ASP A 34 10.54 -12.42 -10.97
CA ASP A 34 9.41 -12.02 -11.83
C ASP A 34 8.25 -12.98 -12.10
N GLU A 35 8.48 -14.24 -11.80
CA GLU A 35 7.51 -15.30 -12.02
C GLU A 35 6.36 -15.39 -11.03
N TYR A 36 6.58 -14.83 -9.84
CA TYR A 36 5.57 -14.81 -8.78
C TYR A 36 4.14 -14.40 -9.19
N ASP A 37 3.13 -15.17 -8.75
CA ASP A 37 1.72 -14.89 -9.05
C ASP A 37 1.42 -14.74 -10.54
N ASN A 38 1.78 -15.80 -11.28
CA ASN A 38 1.66 -15.83 -12.72
C ASN A 38 2.16 -14.63 -13.48
N TYR A 39 3.42 -14.37 -13.17
CA TYR A 39 4.20 -13.28 -13.74
C TYR A 39 3.75 -11.87 -13.45
N ILE A 40 2.93 -11.67 -12.40
CA ILE A 40 2.66 -10.30 -11.95
C ILE A 40 3.91 -9.72 -11.25
N GLY A 41 4.59 -10.61 -10.53
CA GLY A 41 5.76 -10.26 -9.76
C GLY A 41 5.38 -9.75 -8.36
N TYR A 42 6.34 -9.47 -7.50
CA TYR A 42 6.11 -9.03 -6.13
C TYR A 42 5.71 -7.62 -5.84
N GLY A 43 5.77 -6.69 -6.79
CA GLY A 43 5.42 -5.30 -6.53
C GLY A 43 4.06 -5.05 -5.88
N PRO A 44 2.93 -5.49 -6.43
CA PRO A 44 1.60 -5.25 -5.82
C PRO A 44 1.50 -5.77 -4.38
N VAL A 45 1.90 -7.01 -4.03
CA VAL A 45 1.84 -7.47 -2.63
C VAL A 45 2.74 -6.62 -1.71
N LEU A 46 3.83 -6.05 -2.24
CA LEU A 46 4.66 -5.17 -1.41
C LEU A 46 3.97 -3.83 -1.19
N VAL A 47 3.23 -3.23 -2.15
CA VAL A 47 2.56 -1.99 -1.74
C VAL A 47 1.35 -2.34 -0.82
N ARG A 48 0.75 -3.53 -0.94
CA ARG A 48 -0.30 -3.92 0.00
C ARG A 48 0.25 -4.11 1.43
N LEU A 49 1.45 -4.71 1.56
CA LEU A 49 2.10 -4.87 2.86
C LEU A 49 2.38 -3.49 3.50
N ALA A 50 2.91 -2.53 2.75
CA ALA A 50 3.18 -1.22 3.32
C ALA A 50 1.88 -0.52 3.76
N TRP A 51 0.77 -0.71 3.02
CA TRP A 51 -0.52 -0.15 3.42
C TRP A 51 -1.07 -0.84 4.68
N HIS A 52 -1.07 -2.17 4.80
CA HIS A 52 -1.57 -2.85 5.99
C HIS A 52 -0.73 -2.63 7.25
N ILE A 53 0.60 -2.44 7.22
CA ILE A 53 1.32 -2.12 8.45
C ILE A 53 1.04 -0.67 8.85
N SER A 54 0.66 0.23 7.95
CA SER A 54 0.30 1.61 8.30
C SER A 54 -1.17 1.79 8.66
N GLY A 55 -2.02 0.98 8.05
CA GLY A 55 -3.47 1.07 8.16
C GLY A 55 -4.03 0.73 9.54
N THR A 56 -3.20 0.21 10.44
CA THR A 56 -3.62 -0.05 11.82
C THR A 56 -3.62 1.19 12.69
N TRP A 57 -3.16 2.32 12.17
CA TRP A 57 -3.07 3.51 13.00
C TRP A 57 -4.42 4.00 13.48
N ASP A 58 -4.44 4.53 14.69
CA ASP A 58 -5.62 5.21 15.16
C ASP A 58 -5.26 6.61 15.61
N LYS A 59 -5.72 7.66 14.92
CA LYS A 59 -5.46 9.04 15.28
C LYS A 59 -5.81 9.50 16.69
N HIS A 60 -6.71 8.77 17.32
CA HIS A 60 -7.21 9.15 18.66
C HIS A 60 -6.22 8.87 19.78
N ASP A 61 -5.50 7.75 19.74
CA ASP A 61 -4.51 7.43 20.78
C ASP A 61 -3.11 7.14 20.25
N ASN A 62 -2.89 7.40 18.96
CA ASN A 62 -1.64 7.16 18.24
C ASN A 62 -1.07 5.76 18.34
N THR A 63 -1.94 4.77 18.56
CA THR A 63 -1.53 3.36 18.52
C THR A 63 -1.58 2.78 17.08
N GLY A 64 -0.94 1.65 16.81
CA GLY A 64 -0.81 1.13 15.46
C GLY A 64 0.12 1.98 14.58
N GLY A 65 -0.01 1.85 13.27
CA GLY A 65 0.84 2.66 12.39
C GLY A 65 2.14 1.96 12.05
N SER A 66 2.86 2.53 11.09
CA SER A 66 4.09 1.92 10.61
C SER A 66 5.35 1.97 11.50
N TYR A 67 5.40 2.90 12.45
CA TYR A 67 6.54 3.10 13.34
C TYR A 67 7.16 1.86 14.00
N GLY A 68 6.38 1.05 14.67
CA GLY A 68 6.90 -0.04 15.46
C GLY A 68 7.31 -1.32 14.76
N GLY A 69 6.96 -1.52 13.50
CA GLY A 69 7.30 -2.75 12.79
C GLY A 69 6.73 -4.02 13.39
N THR A 70 5.58 -3.86 14.02
CA THR A 70 4.94 -4.94 14.79
C THR A 70 4.30 -6.09 14.05
N TYR A 71 4.25 -5.97 12.71
CA TYR A 71 3.84 -7.08 11.82
C TYR A 71 4.78 -8.30 11.94
N ARG A 72 6.03 -8.10 12.41
CA ARG A 72 6.93 -9.21 12.69
C ARG A 72 6.42 -10.12 13.85
N PHE A 73 5.47 -9.64 14.68
CA PHE A 73 4.87 -10.45 15.74
C PHE A 73 3.65 -11.27 15.33
N LYS A 74 3.54 -12.50 15.85
CA LYS A 74 2.46 -13.46 15.51
C LYS A 74 1.01 -12.91 15.44
N LYS A 75 0.60 -12.09 16.42
CA LYS A 75 -0.73 -11.49 16.45
C LYS A 75 -1.04 -10.70 15.17
N GLU A 76 -0.17 -9.80 14.75
CA GLU A 76 -0.39 -9.07 13.52
C GLU A 76 -0.08 -9.91 12.31
N PHE A 77 0.92 -10.78 12.32
CA PHE A 77 1.24 -11.63 11.17
C PHE A 77 0.11 -12.60 10.79
N ASN A 78 -0.57 -13.04 11.84
CA ASN A 78 -1.70 -13.95 11.72
C ASN A 78 -3.09 -13.32 11.69
N ASP A 79 -3.17 -12.00 11.60
CA ASP A 79 -4.44 -11.33 11.37
C ASP A 79 -5.06 -11.90 10.08
N PRO A 80 -6.32 -12.36 10.05
CA PRO A 80 -6.99 -12.86 8.82
C PRO A 80 -6.99 -11.84 7.70
N SER A 81 -7.04 -10.55 8.06
CA SER A 81 -6.97 -9.46 7.07
C SER A 81 -5.63 -9.38 6.35
N ASN A 82 -4.56 -9.93 6.91
CA ASN A 82 -3.24 -9.92 6.28
C ASN A 82 -2.92 -11.18 5.48
N ALA A 83 -3.89 -12.10 5.33
CA ALA A 83 -3.65 -13.33 4.60
C ALA A 83 -3.09 -13.10 3.19
N GLY A 84 -2.00 -13.79 2.90
CA GLY A 84 -1.31 -13.60 1.62
C GLY A 84 -0.12 -12.64 1.76
N LEU A 85 -0.04 -11.78 2.78
CA LEU A 85 1.11 -10.89 2.93
C LEU A 85 2.41 -11.56 3.41
N GLN A 86 2.32 -12.82 3.88
CA GLN A 86 3.50 -13.61 4.23
C GLN A 86 4.44 -13.73 3.05
N ASN A 87 3.92 -13.71 1.82
CA ASN A 87 4.73 -13.69 0.60
C ASN A 87 5.53 -12.41 0.41
N GLY A 88 5.02 -11.25 0.81
CA GLY A 88 5.81 -10.04 0.76
C GLY A 88 6.88 -10.08 1.88
N PHE A 89 6.56 -10.54 3.09
CA PHE A 89 7.54 -10.71 4.18
C PHE A 89 8.75 -11.60 3.83
N LYS A 90 8.46 -12.79 3.29
CA LYS A 90 9.50 -13.71 2.84
C LYS A 90 10.34 -13.16 1.70
N PHE A 91 9.79 -12.30 0.83
CA PHE A 91 10.55 -11.58 -0.19
C PHE A 91 11.56 -10.61 0.46
N LEU A 92 11.12 -9.86 1.46
CA LEU A 92 11.97 -8.91 2.12
C LEU A 92 12.98 -9.50 3.09
N GLU A 93 12.75 -10.70 3.61
CA GLU A 93 13.63 -11.31 4.59
C GLU A 93 15.07 -11.52 4.16
N PRO A 94 15.46 -12.04 2.99
CA PRO A 94 16.78 -11.86 2.41
C PRO A 94 17.44 -10.49 2.46
N ILE A 95 16.71 -9.43 2.13
CA ILE A 95 17.25 -8.07 2.16
C ILE A 95 17.51 -7.59 3.60
N HIS A 96 16.71 -8.02 4.58
CA HIS A 96 16.95 -7.63 5.96
C HIS A 96 18.18 -8.35 6.51
N LYS A 97 18.40 -9.59 6.08
CA LYS A 97 19.60 -10.29 6.43
C LYS A 97 20.83 -9.57 5.90
N GLU A 98 20.75 -9.05 4.68
CA GLU A 98 21.82 -8.28 4.06
C GLU A 98 22.05 -6.88 4.67
N PHE A 99 21.00 -6.19 5.13
CA PHE A 99 21.14 -4.89 5.78
C PHE A 99 20.50 -4.95 7.16
N PRO A 100 21.14 -5.61 8.15
CA PRO A 100 20.52 -5.92 9.42
C PRO A 100 20.35 -4.68 10.30
N TRP A 101 21.01 -3.59 9.93
CA TRP A 101 20.86 -2.29 10.58
C TRP A 101 19.53 -1.55 10.33
N ILE A 102 18.78 -1.78 9.22
CA ILE A 102 17.51 -1.07 9.04
C ILE A 102 16.41 -1.63 9.94
N SER A 103 15.60 -0.77 10.55
CA SER A 103 14.45 -1.24 11.34
C SER A 103 13.35 -1.91 10.51
N SER A 104 12.50 -2.73 11.11
CA SER A 104 11.41 -3.39 10.40
C SER A 104 10.40 -2.41 9.80
N GLY A 105 9.91 -1.42 10.54
CA GLY A 105 8.98 -0.41 10.01
C GLY A 105 9.49 0.30 8.77
N ASP A 106 10.78 0.64 8.84
CA ASP A 106 11.46 1.26 7.69
C ASP A 106 11.60 0.35 6.50
N LEU A 107 11.98 -0.91 6.71
CA LEU A 107 12.10 -1.84 5.58
C LEU A 107 10.73 -2.13 4.92
N PHE A 108 9.66 -2.42 5.70
CA PHE A 108 8.30 -2.64 5.19
C PHE A 108 7.80 -1.36 4.50
N SER A 109 7.99 -0.15 5.03
CA SER A 109 7.54 1.00 4.25
C SER A 109 8.34 1.35 2.98
N LEU A 110 9.68 1.18 2.99
CA LEU A 110 10.50 1.40 1.81
C LEU A 110 10.24 0.35 0.72
N GLY A 111 9.89 -0.89 1.05
CA GLY A 111 9.45 -1.89 0.07
C GLY A 111 8.25 -1.43 -0.77
N GLY A 112 7.25 -0.81 -0.10
CA GLY A 112 6.10 -0.20 -0.77
C GLY A 112 6.52 0.97 -1.65
N VAL A 113 7.40 1.86 -1.16
CA VAL A 113 7.91 2.96 -1.99
C VAL A 113 8.65 2.49 -3.24
N THR A 114 9.49 1.48 -3.04
CA THR A 114 10.31 0.92 -4.12
C THR A 114 9.47 0.25 -5.20
N ALA A 115 8.48 -0.55 -4.80
CA ALA A 115 7.55 -1.20 -5.73
C ALA A 115 6.78 -0.22 -6.61
N VAL A 116 6.22 0.84 -6.04
CA VAL A 116 5.50 1.88 -6.80
C VAL A 116 6.39 2.59 -7.82
N GLN A 117 7.55 3.07 -7.42
CA GLN A 117 8.47 3.71 -8.37
C GLN A 117 9.03 2.75 -9.42
N GLU A 118 9.36 1.51 -9.04
CA GLU A 118 9.83 0.57 -10.02
C GLU A 118 8.73 0.11 -10.99
N MET A 119 7.44 0.14 -10.60
CA MET A 119 6.34 -0.15 -11.51
C MET A 119 5.90 1.11 -12.24
N GLN A 120 6.78 2.10 -12.38
CA GLN A 120 6.61 3.43 -12.94
C GLN A 120 5.54 4.40 -12.50
N GLY A 121 5.35 4.29 -11.20
CA GLY A 121 4.50 5.19 -10.48
C GLY A 121 5.19 6.51 -10.28
N PRO A 122 4.57 7.43 -9.54
CA PRO A 122 5.21 8.68 -9.18
C PRO A 122 6.35 8.47 -8.13
N LYS A 123 7.31 9.39 -8.02
CA LYS A 123 8.30 9.33 -6.92
C LYS A 123 7.61 9.46 -5.56
N ILE A 124 7.89 8.67 -4.51
CA ILE A 124 7.29 8.91 -3.20
C ILE A 124 8.40 9.42 -2.24
N PRO A 125 8.50 10.68 -1.78
CA PRO A 125 9.38 11.08 -0.68
C PRO A 125 9.25 10.14 0.50
N TRP A 126 10.36 9.64 1.03
CA TRP A 126 10.37 8.72 2.16
C TRP A 126 11.34 9.21 3.24
N ARG A 127 10.92 9.04 4.47
CA ARG A 127 11.70 9.47 5.60
C ARG A 127 12.11 8.32 6.49
N CYS A 128 13.38 8.28 6.97
CA CYS A 128 13.83 7.23 7.87
C CYS A 128 13.66 7.39 9.36
N GLY A 129 13.79 6.33 10.16
CA GLY A 129 13.72 6.61 11.58
C GLY A 129 12.70 5.89 12.41
N ARG A 130 11.94 5.00 11.81
CA ARG A 130 11.04 4.14 12.56
C ARG A 130 11.88 3.26 13.45
N VAL A 131 11.39 2.91 14.63
CA VAL A 131 12.12 2.15 15.61
C VAL A 131 11.32 0.92 16.03
N ASP A 132 11.88 -0.28 16.00
CA ASP A 132 11.14 -1.43 16.48
C ASP A 132 10.70 -1.35 17.92
N THR A 133 9.45 -1.72 18.16
CA THR A 133 8.88 -1.65 19.49
C THR A 133 8.47 -3.04 19.97
N PRO A 134 8.22 -3.32 21.26
CA PRO A 134 8.03 -4.67 21.81
C PRO A 134 6.76 -5.39 21.40
N GLU A 135 6.69 -6.73 21.46
CA GLU A 135 5.48 -7.46 21.10
C GLU A 135 4.17 -6.96 21.72
N ASP A 136 4.25 -6.41 22.92
CA ASP A 136 3.09 -5.85 23.62
C ASP A 136 2.52 -4.57 23.02
N THR A 137 3.28 -3.91 22.13
CA THR A 137 2.79 -2.73 21.40
C THR A 137 2.01 -3.11 20.11
N THR A 138 2.04 -4.41 19.73
CA THR A 138 1.30 -4.92 18.59
C THR A 138 -0.20 -4.62 18.66
N PRO A 139 -0.80 -3.89 17.71
CA PRO A 139 -2.24 -3.63 17.72
C PRO A 139 -3.06 -4.91 17.57
N ASP A 140 -4.23 -4.95 18.19
CA ASP A 140 -5.11 -6.11 17.97
C ASP A 140 -5.71 -6.24 16.57
N ASN A 141 -5.98 -7.46 16.13
CA ASN A 141 -6.74 -7.71 14.92
C ASN A 141 -8.03 -6.92 14.77
N GLY A 142 -8.48 -6.66 13.55
CA GLY A 142 -9.73 -5.94 13.34
C GLY A 142 -9.65 -4.44 13.07
N ARG A 143 -8.46 -3.90 12.73
CA ARG A 143 -8.37 -2.46 12.43
C ARG A 143 -8.35 -2.13 10.96
N LEU A 144 -8.23 -3.18 10.18
CA LEU A 144 -8.23 -3.05 8.73
C LEU A 144 -9.63 -3.23 8.10
N PRO A 145 -9.94 -2.63 6.94
CA PRO A 145 -11.32 -2.50 6.47
C PRO A 145 -11.92 -3.74 5.82
N ASP A 146 -13.23 -3.91 5.96
CA ASP A 146 -13.94 -4.96 5.23
C ASP A 146 -14.19 -4.57 3.78
N ALA A 147 -14.29 -5.52 2.86
CA ALA A 147 -14.51 -5.25 1.44
C ALA A 147 -15.95 -5.23 0.94
N ASP A 148 -16.79 -5.83 1.73
CA ASP A 148 -18.18 -6.00 1.41
C ASP A 148 -19.05 -4.85 1.87
N LYS A 149 -18.56 -3.63 1.95
CA LYS A 149 -19.38 -2.58 2.51
C LYS A 149 -19.61 -1.46 1.52
N ASP A 150 -20.19 -0.35 1.94
CA ASP A 150 -20.52 0.75 1.03
C ASP A 150 -19.72 2.03 1.24
N ALA A 151 -19.99 3.07 0.45
CA ALA A 151 -19.31 4.37 0.56
C ALA A 151 -19.29 5.05 1.93
N GLY A 152 -20.38 5.00 2.69
CA GLY A 152 -20.41 5.58 4.02
C GLY A 152 -19.43 4.87 4.98
N TYR A 153 -19.32 3.54 4.83
CA TYR A 153 -18.37 2.75 5.58
C TYR A 153 -16.92 3.15 5.25
N VAL A 154 -16.56 3.18 3.98
CA VAL A 154 -15.23 3.65 3.54
C VAL A 154 -14.94 5.06 4.07
N ARG A 155 -15.86 6.03 4.00
CA ARG A 155 -15.59 7.38 4.46
C ARG A 155 -15.32 7.42 5.93
N THR A 156 -16.15 6.69 6.67
CA THR A 156 -16.08 6.60 8.12
C THR A 156 -14.83 5.89 8.57
N PHE A 157 -14.55 4.71 8.01
CA PHE A 157 -13.30 3.99 8.33
C PHE A 157 -12.06 4.88 8.15
N PHE A 158 -11.93 5.57 7.02
CA PHE A 158 -10.73 6.37 6.75
C PHE A 158 -10.59 7.67 7.54
N GLN A 159 -11.66 8.11 8.18
CA GLN A 159 -11.55 9.23 9.12
C GLN A 159 -10.66 8.83 10.32
N ARG A 160 -10.63 7.53 10.72
CA ARG A 160 -9.76 7.08 11.79
C ARG A 160 -8.26 7.26 11.47
N LEU A 161 -7.87 7.23 10.19
CA LEU A 161 -6.50 7.45 9.71
C LEU A 161 -6.35 8.88 9.17
N ASN A 162 -7.19 9.80 9.66
CA ASN A 162 -7.56 11.01 8.91
C ASN A 162 -7.07 11.45 7.56
N MET A 163 -7.74 10.65 6.75
CA MET A 163 -7.76 10.81 5.31
C MET A 163 -9.15 11.38 4.92
N ASN A 164 -9.15 12.37 4.04
CA ASN A 164 -10.37 12.96 3.57
C ASN A 164 -10.82 12.32 2.26
N ASP A 165 -11.87 12.82 1.58
CA ASP A 165 -12.39 12.11 0.40
C ASP A 165 -11.42 12.00 -0.75
N ARG A 166 -10.73 13.11 -0.94
CA ARG A 166 -9.74 13.18 -2.00
C ARG A 166 -8.57 12.18 -1.82
N GLU A 167 -8.07 12.15 -0.58
CA GLU A 167 -7.02 11.25 -0.17
C GLU A 167 -7.45 9.80 -0.29
N VAL A 168 -8.65 9.46 0.19
CA VAL A 168 -9.20 8.10 0.03
C VAL A 168 -9.31 7.67 -1.45
N VAL A 169 -9.84 8.53 -2.33
CA VAL A 169 -10.00 8.16 -3.75
C VAL A 169 -8.63 8.01 -4.43
N ALA A 170 -7.68 8.91 -4.13
CA ALA A 170 -6.32 8.80 -4.65
C ALA A 170 -5.66 7.50 -4.15
N LEU A 171 -5.67 7.19 -2.86
CA LEU A 171 -5.22 5.89 -2.36
C LEU A 171 -5.84 4.65 -3.02
N MET A 172 -7.16 4.58 -3.23
CA MET A 172 -7.82 3.42 -3.87
C MET A 172 -7.37 3.10 -5.30
N GLY A 173 -6.82 4.05 -6.05
CA GLY A 173 -6.25 3.87 -7.38
C GLY A 173 -5.17 2.78 -7.43
N ALA A 174 -4.54 2.47 -6.29
CA ALA A 174 -3.62 1.34 -6.13
C ALA A 174 -4.26 -0.04 -6.36
N HIS A 175 -5.59 -0.15 -6.24
CA HIS A 175 -6.29 -1.37 -6.62
C HIS A 175 -6.26 -1.66 -8.11
N ALA A 176 -5.73 -0.81 -9.00
CA ALA A 176 -5.40 -1.24 -10.38
C ALA A 176 -4.31 -2.30 -10.43
N LEU A 177 -3.49 -2.38 -9.37
CA LEU A 177 -2.37 -3.29 -9.23
C LEU A 177 -2.72 -4.66 -8.72
N GLY A 178 -2.09 -5.72 -9.23
CA GLY A 178 -2.25 -7.07 -8.71
C GLY A 178 -3.63 -7.67 -8.91
N LYS A 179 -4.13 -8.39 -7.92
CA LYS A 179 -5.45 -9.00 -8.06
C LYS A 179 -5.97 -9.50 -6.74
N THR A 180 -7.25 -9.84 -6.67
CA THR A 180 -7.73 -10.52 -5.48
C THR A 180 -7.60 -12.02 -5.72
N HIS A 181 -7.34 -12.71 -4.63
CA HIS A 181 -7.05 -14.15 -4.64
C HIS A 181 -8.08 -14.77 -3.74
N LEU A 182 -8.94 -15.65 -4.28
CA LEU A 182 -10.03 -16.25 -3.49
C LEU A 182 -9.60 -16.90 -2.17
N LYS A 183 -8.49 -17.63 -2.17
CA LYS A 183 -8.06 -18.28 -0.94
C LYS A 183 -7.50 -17.31 0.11
N ASN A 184 -7.16 -16.06 -0.24
CA ASN A 184 -6.76 -15.08 0.76
C ASN A 184 -7.92 -14.26 1.32
N SER A 185 -8.76 -13.78 0.42
CA SER A 185 -9.86 -12.88 0.79
C SER A 185 -11.31 -13.26 0.47
N GLY A 186 -11.55 -14.34 -0.28
CA GLY A 186 -12.91 -14.69 -0.69
C GLY A 186 -13.39 -13.87 -1.87
N TYR A 187 -12.46 -13.19 -2.57
CA TYR A 187 -12.73 -12.46 -3.78
C TYR A 187 -11.78 -12.90 -4.87
N GLU A 188 -12.15 -12.88 -6.14
CA GLU A 188 -11.26 -13.36 -7.18
C GLU A 188 -11.22 -12.54 -8.47
N GLY A 189 -10.01 -12.27 -8.96
CA GLY A 189 -9.83 -11.60 -10.24
C GLY A 189 -8.99 -10.31 -10.22
N PRO A 190 -8.52 -9.82 -11.36
CA PRO A 190 -7.82 -8.56 -11.49
C PRO A 190 -8.76 -7.43 -11.83
N GLY A 191 -8.34 -6.18 -11.71
CA GLY A 191 -9.20 -5.04 -11.97
C GLY A 191 -8.89 -4.37 -13.29
N GLY A 192 -8.00 -4.95 -14.08
CA GLY A 192 -7.58 -4.28 -15.28
C GLY A 192 -6.54 -5.09 -16.03
N ALA A 193 -6.15 -4.60 -17.20
CA ALA A 193 -5.15 -5.27 -18.00
C ALA A 193 -3.73 -4.98 -17.55
N ALA A 194 -3.36 -3.73 -17.19
CA ALA A 194 -2.02 -3.40 -16.74
C ALA A 194 -1.94 -3.57 -15.22
N ASN A 195 -1.86 -4.79 -14.72
CA ASN A 195 -1.82 -4.88 -13.26
C ASN A 195 -0.47 -5.01 -12.53
N ASN A 196 0.62 -4.69 -13.24
CA ASN A 196 1.90 -4.49 -12.56
C ASN A 196 2.64 -3.29 -13.15
N VAL A 197 1.89 -2.37 -13.74
CA VAL A 197 2.42 -1.08 -14.16
C VAL A 197 1.53 -0.08 -13.44
N PHE A 198 2.02 0.94 -12.74
CA PHE A 198 1.20 1.93 -12.05
C PHE A 198 0.56 2.95 -13.03
N THR A 199 -0.76 2.92 -13.25
CA THR A 199 -1.48 3.87 -14.12
C THR A 199 -2.78 4.38 -13.50
N ASN A 200 -3.57 5.30 -14.08
CA ASN A 200 -4.90 5.61 -13.55
C ASN A 200 -6.07 4.74 -14.09
N GLU A 201 -5.76 3.57 -14.64
CA GLU A 201 -6.74 2.58 -15.15
C GLU A 201 -7.84 2.14 -14.20
N PHE A 202 -7.65 2.12 -12.88
CA PHE A 202 -8.73 1.81 -11.96
C PHE A 202 -9.92 2.76 -12.17
N TYR A 203 -9.64 4.03 -12.36
CA TYR A 203 -10.67 5.03 -12.54
C TYR A 203 -11.34 4.92 -13.91
N LEU A 204 -10.52 4.69 -14.93
CA LEU A 204 -11.03 4.47 -16.28
C LEU A 204 -11.94 3.24 -16.40
N ASN A 205 -11.57 2.11 -15.80
CA ASN A 205 -12.38 0.90 -15.80
C ASN A 205 -13.66 1.02 -15.01
N LEU A 206 -13.60 1.67 -13.87
CA LEU A 206 -14.78 1.93 -13.05
C LEU A 206 -15.84 2.69 -13.86
N LEU A 207 -15.44 3.77 -14.56
CA LEU A 207 -16.35 4.54 -15.36
C LEU A 207 -16.68 3.93 -16.74
N ASN A 208 -15.81 3.16 -17.39
CA ASN A 208 -16.11 2.66 -18.72
C ASN A 208 -16.53 1.22 -18.88
N GLU A 209 -16.40 0.36 -17.89
CA GLU A 209 -16.81 -0.99 -18.06
C GLU A 209 -18.27 -1.17 -17.68
N ASP A 210 -18.76 -2.29 -18.19
CA ASP A 210 -20.14 -2.72 -17.95
C ASP A 210 -20.12 -3.64 -16.75
N TRP A 211 -20.38 -3.15 -15.56
CA TRP A 211 -20.29 -4.01 -14.39
C TRP A 211 -21.54 -4.80 -14.04
N LYS A 212 -21.37 -6.04 -13.63
CA LYS A 212 -22.43 -6.96 -13.28
C LYS A 212 -22.29 -7.51 -11.89
N LEU A 213 -23.22 -7.34 -10.95
CA LEU A 213 -23.09 -7.90 -9.61
C LEU A 213 -23.27 -9.43 -9.63
N GLU A 214 -22.19 -10.20 -9.44
CA GLU A 214 -22.29 -11.65 -9.37
C GLU A 214 -21.82 -12.32 -8.08
N LYS A 215 -22.04 -13.60 -7.88
CA LYS A 215 -21.55 -14.25 -6.68
C LYS A 215 -20.41 -15.16 -7.09
N ASN A 216 -19.29 -15.05 -6.38
CA ASN A 216 -18.11 -15.87 -6.65
C ASN A 216 -18.09 -17.23 -5.91
N ASP A 217 -17.12 -18.12 -6.14
CA ASP A 217 -17.08 -19.42 -5.49
C ASP A 217 -16.97 -19.48 -3.98
N ALA A 218 -16.56 -18.38 -3.37
CA ALA A 218 -16.51 -18.25 -1.91
C ALA A 218 -17.83 -17.71 -1.36
N ASN A 219 -18.81 -17.56 -2.26
CA ASN A 219 -20.17 -17.06 -2.03
C ASN A 219 -20.30 -15.60 -1.64
N ASN A 220 -19.31 -14.85 -2.12
CA ASN A 220 -19.31 -13.42 -1.90
C ASN A 220 -19.72 -12.69 -3.15
N GLU A 221 -20.42 -11.59 -3.00
CA GLU A 221 -20.72 -10.76 -4.16
C GLU A 221 -19.58 -9.83 -4.56
N GLN A 222 -19.39 -9.73 -5.86
CA GLN A 222 -18.43 -8.80 -6.45
C GLN A 222 -18.91 -8.29 -7.81
N TRP A 223 -18.43 -7.13 -8.22
CA TRP A 223 -18.78 -6.57 -9.51
C TRP A 223 -17.89 -7.08 -10.63
N ASP A 224 -18.48 -7.79 -11.59
CA ASP A 224 -17.76 -8.39 -12.71
C ASP A 224 -18.00 -7.80 -14.08
N SER A 225 -17.02 -7.74 -14.95
CA SER A 225 -17.21 -7.19 -16.28
C SER A 225 -16.94 -8.21 -17.36
N LYS A 226 -17.50 -7.95 -18.55
CA LYS A 226 -17.29 -8.81 -19.75
C LYS A 226 -15.82 -9.02 -20.10
N SER A 227 -15.01 -8.01 -19.85
CA SER A 227 -13.57 -8.07 -20.11
C SER A 227 -12.79 -9.00 -19.21
N GLY A 228 -13.40 -9.57 -18.18
CA GLY A 228 -12.66 -10.41 -17.23
C GLY A 228 -12.14 -9.68 -15.97
N TYR A 229 -12.56 -8.43 -15.75
CA TYR A 229 -12.14 -7.65 -14.60
C TYR A 229 -13.17 -7.75 -13.50
N MET A 230 -12.77 -7.41 -12.29
CA MET A 230 -13.66 -7.44 -11.16
C MET A 230 -13.42 -6.22 -10.30
N MET A 231 -14.42 -5.80 -9.54
CA MET A 231 -14.29 -4.72 -8.58
C MET A 231 -14.92 -5.22 -7.29
N LEU A 232 -14.33 -4.83 -6.16
CA LEU A 232 -14.89 -5.17 -4.84
C LEU A 232 -16.12 -4.28 -4.55
N PRO A 233 -17.06 -4.62 -3.65
CA PRO A 233 -18.16 -3.74 -3.26
C PRO A 233 -17.68 -2.38 -2.82
N THR A 234 -16.65 -2.31 -1.94
CA THR A 234 -16.08 -1.01 -1.55
C THR A 234 -15.41 -0.28 -2.68
N ASP A 235 -14.91 -0.95 -3.73
CA ASP A 235 -14.38 -0.26 -4.91
C ASP A 235 -15.42 0.42 -5.79
N TYR A 236 -16.50 -0.32 -6.03
CA TYR A 236 -17.64 0.16 -6.82
C TYR A 236 -18.39 1.31 -6.14
N SER A 237 -18.33 1.31 -4.79
CA SER A 237 -18.77 2.41 -3.93
C SER A 237 -18.39 3.80 -4.36
N LEU A 238 -17.21 3.91 -4.98
CA LEU A 238 -16.69 5.20 -5.39
C LEU A 238 -17.46 5.84 -6.53
N ILE A 239 -18.15 5.04 -7.37
CA ILE A 239 -19.01 5.68 -8.36
C ILE A 239 -20.45 5.78 -7.85
N GLN A 240 -20.81 5.14 -6.74
CA GLN A 240 -22.13 5.30 -6.13
C GLN A 240 -22.31 6.58 -5.31
N ASP A 241 -21.25 7.15 -4.79
CA ASP A 241 -21.35 8.32 -3.95
C ASP A 241 -21.08 9.55 -4.80
N PRO A 242 -21.84 10.65 -4.79
CA PRO A 242 -21.58 11.84 -5.62
C PRO A 242 -20.27 12.58 -5.34
N LYS A 243 -19.81 12.74 -4.09
CA LYS A 243 -18.51 13.40 -3.81
C LYS A 243 -17.33 12.58 -4.38
N TYR A 244 -17.31 11.27 -4.05
CA TYR A 244 -16.32 10.35 -4.60
C TYR A 244 -16.35 10.25 -6.11
N LEU A 245 -17.55 10.07 -6.70
CA LEU A 245 -17.65 10.00 -8.15
C LEU A 245 -17.06 11.22 -8.84
N SER A 246 -17.26 12.46 -8.42
CA SER A 246 -16.57 13.52 -9.17
C SER A 246 -15.05 13.56 -8.99
N ILE A 247 -14.44 13.01 -7.93
CA ILE A 247 -12.97 12.93 -7.90
C ILE A 247 -12.49 11.77 -8.82
N VAL A 248 -13.18 10.62 -8.88
CA VAL A 248 -12.92 9.53 -9.85
C VAL A 248 -12.83 10.05 -11.27
N LYS A 249 -13.81 10.87 -11.67
CA LYS A 249 -13.77 11.50 -12.99
C LYS A 249 -12.57 12.42 -13.20
N GLU A 250 -12.18 13.14 -12.16
CA GLU A 250 -11.01 13.99 -12.24
C GLU A 250 -9.73 13.18 -12.49
N TYR A 251 -9.57 12.05 -11.79
CA TYR A 251 -8.41 11.20 -12.02
C TYR A 251 -8.47 10.33 -13.28
N ALA A 252 -9.65 9.97 -13.80
CA ALA A 252 -9.70 9.33 -15.10
C ALA A 252 -9.40 10.34 -16.20
N ASN A 253 -9.65 11.64 -15.99
CA ASN A 253 -9.28 12.65 -16.97
C ASN A 253 -7.93 13.34 -16.86
N ASP A 254 -7.13 12.99 -15.84
CA ASP A 254 -5.82 13.63 -15.62
C ASP A 254 -4.87 12.69 -14.85
N GLN A 255 -4.07 11.90 -15.55
CA GLN A 255 -3.14 11.00 -14.87
C GLN A 255 -2.01 11.64 -14.02
N ASP A 256 -1.51 12.81 -14.42
CA ASP A 256 -0.55 13.58 -13.64
C ASP A 256 -1.07 14.07 -12.27
N LYS A 257 -2.30 14.62 -12.20
CA LYS A 257 -2.97 14.97 -10.93
C LYS A 257 -3.13 13.71 -10.08
N PHE A 258 -3.64 12.59 -10.62
CA PHE A 258 -3.66 11.32 -9.90
C PHE A 258 -2.27 10.98 -9.29
N PHE A 259 -1.21 10.90 -10.09
CA PHE A 259 0.13 10.63 -9.60
C PHE A 259 0.59 11.58 -8.48
N LYS A 260 0.37 12.88 -8.63
CA LYS A 260 0.71 13.88 -7.63
C LYS A 260 -0.03 13.73 -6.30
N ASP A 261 -1.35 13.47 -6.38
CA ASP A 261 -2.14 13.23 -5.18
C ASP A 261 -1.92 11.88 -4.54
N PHE A 262 -1.62 10.84 -5.31
CA PHE A 262 -1.31 9.54 -4.72
C PHE A 262 -0.03 9.60 -3.85
N SER A 263 0.99 10.25 -4.44
CA SER A 263 2.30 10.47 -3.82
C SER A 263 2.21 11.13 -2.46
N LYS A 264 1.46 12.25 -2.39
CA LYS A 264 1.18 12.87 -1.09
C LYS A 264 0.39 12.02 -0.11
N ALA A 265 -0.67 11.32 -0.52
CA ALA A 265 -1.44 10.52 0.41
C ALA A 265 -0.78 9.23 0.85
N PHE A 266 0.06 8.61 0.00
CA PHE A 266 0.81 7.40 0.38
C PHE A 266 1.96 7.78 1.36
N GLU A 267 2.66 8.90 1.16
CA GLU A 267 3.67 9.34 2.12
C GLU A 267 3.00 9.62 3.46
N LYS A 268 1.89 10.38 3.44
CA LYS A 268 1.14 10.68 4.66
C LYS A 268 0.71 9.41 5.36
N LEU A 269 0.21 8.43 4.59
CA LEU A 269 -0.17 7.12 5.14
C LEU A 269 0.96 6.45 5.93
N LEU A 270 2.14 6.49 5.29
CA LEU A 270 3.34 5.83 5.80
C LEU A 270 3.96 6.54 6.99
N GLU A 271 3.68 7.84 7.13
CA GLU A 271 4.18 8.68 8.20
C GLU A 271 3.27 8.95 9.36
N ASP A 272 1.97 8.62 9.26
CA ASP A 272 1.03 8.81 10.37
C ASP A 272 1.54 8.22 11.70
N GLY A 273 1.49 9.05 12.75
CA GLY A 273 1.92 8.63 14.09
C GLY A 273 3.36 8.98 14.48
N ILE A 274 4.19 9.28 13.51
CA ILE A 274 5.59 9.58 13.73
C ILE A 274 5.87 11.09 13.84
N THR A 275 6.59 11.38 14.93
CA THR A 275 7.11 12.72 15.21
C THR A 275 8.53 12.79 14.69
N PHE A 276 8.78 13.68 13.75
CA PHE A 276 10.12 13.89 13.23
C PHE A 276 10.72 15.16 13.87
N PRO A 277 11.78 15.10 14.71
CA PRO A 277 12.53 16.26 15.24
C PRO A 277 13.01 17.30 14.22
N LYS A 278 13.13 18.63 14.45
CA LYS A 278 13.52 19.50 13.33
C LYS A 278 14.95 19.37 12.79
N ASP A 279 15.80 18.70 13.53
CA ASP A 279 17.14 18.36 13.04
C ASP A 279 17.18 17.03 12.28
N ALA A 280 16.03 16.39 12.09
CA ALA A 280 15.97 15.15 11.34
C ALA A 280 16.25 15.46 9.86
N PRO A 281 16.84 14.56 9.05
CA PRO A 281 17.05 14.83 7.63
C PRO A 281 15.75 14.99 6.83
N SER A 282 15.85 15.76 5.75
CA SER A 282 14.77 15.84 4.80
C SER A 282 14.30 14.49 4.26
N PRO A 283 13.11 14.40 3.68
CA PRO A 283 12.68 13.21 2.99
C PRO A 283 13.60 12.88 1.82
N PHE A 284 13.93 11.62 1.68
CA PHE A 284 14.73 11.17 0.54
C PHE A 284 13.89 10.93 -0.71
N ILE A 285 14.37 11.30 -1.89
CA ILE A 285 13.73 10.94 -3.15
C ILE A 285 14.70 9.92 -3.78
N PHE A 286 14.41 8.63 -3.83
CA PHE A 286 15.31 7.65 -4.44
C PHE A 286 15.22 7.52 -5.93
N LYS A 287 16.38 7.38 -6.54
CA LYS A 287 16.42 7.13 -7.97
C LYS A 287 16.02 5.72 -8.31
N THR A 288 15.38 5.54 -9.45
CA THR A 288 15.05 4.19 -9.87
C THR A 288 16.26 3.44 -10.51
N LEU A 289 16.26 2.11 -10.64
CA LEU A 289 17.34 1.43 -11.37
C LEU A 289 17.56 1.99 -12.78
N GLU A 290 16.44 2.30 -13.42
CA GLU A 290 16.44 2.90 -14.74
C GLU A 290 17.13 4.26 -14.76
N GLU A 291 16.85 5.15 -13.81
CA GLU A 291 17.55 6.44 -13.81
C GLU A 291 19.05 6.30 -13.48
N GLN A 292 19.39 5.19 -12.83
CA GLN A 292 20.76 4.85 -12.50
C GLN A 292 21.49 4.06 -13.58
N GLY A 293 20.79 3.60 -14.62
CA GLY A 293 21.36 2.75 -15.66
C GLY A 293 21.73 1.35 -15.15
N LEU A 294 21.11 0.94 -14.05
CA LEU A 294 21.35 -0.35 -13.43
C LEU A 294 20.43 -1.47 -13.89
CHA HEM B . -5.66 -6.18 -2.50
CHB HEM B . -9.28 -4.73 0.23
CHC HEM B . -7.54 -0.29 0.23
CHD HEM B . -3.66 -1.87 -2.07
C1A HEM B . -6.89 -6.21 -1.80
C2A HEM B . -7.66 -7.34 -1.56
C3A HEM B . -8.71 -6.91 -0.77
C4A HEM B . -8.50 -5.56 -0.58
CMA HEM B . -9.84 -7.73 -0.22
CAA HEM B . -7.38 -8.76 -2.05
CBA HEM B . -6.37 -9.51 -1.22
CGA HEM B . -6.07 -10.87 -1.78
O1A HEM B . -6.96 -11.68 -2.01
O2A HEM B . -4.93 -11.19 -2.05
C1B HEM B . -9.15 -3.38 0.50
C2B HEM B . -10.10 -2.64 1.19
C3B HEM B . -9.64 -1.32 1.12
C4B HEM B . -8.41 -1.36 0.46
CMB HEM B . -11.37 -3.27 1.76
CAB HEM B . -10.22 -0.11 1.54
CBB HEM B . -11.57 0.09 2.07
C1C HEM B . -6.25 -0.32 -0.31
C2C HEM B . -5.38 0.76 -0.35
C3C HEM B . -4.19 0.25 -0.93
C4C HEM B . -4.48 -1.06 -1.29
CMC HEM B . -5.68 2.13 0.30
CAC HEM B . -2.92 0.82 -1.18
CBC HEM B . -2.55 2.24 -1.14
C1D HEM B . -3.87 -3.18 -2.54
C2D HEM B . -3.08 -3.86 -3.46
C3D HEM B . -3.66 -5.12 -3.58
C4D HEM B . -4.78 -5.11 -2.73
CMD HEM B . -1.86 -3.33 -4.22
CAD HEM B . -3.18 -6.25 -4.48
CBD HEM B . -2.45 -7.33 -3.71
CGD HEM B . -1.95 -8.51 -4.56
O1D HEM B . -1.58 -9.53 -3.99
O2D HEM B . -1.91 -8.45 -5.76
NA HEM B . -7.45 -5.12 -1.25
NB HEM B . -8.15 -2.62 0.08
NC HEM B . -5.67 -1.43 -0.81
ND HEM B . -4.94 -3.92 -2.19
FE HEM B . -6.54 -3.28 -1.06
N1 4AP C . -9.89 -4.67 -6.58
C2 4AP C . -9.65 -5.01 -7.87
C3 4AP C . -8.43 -5.47 -8.26
C4 4AP C . -7.39 -5.62 -7.30
C5 4AP C . -7.68 -5.25 -5.96
C6 4AP C . -8.91 -4.79 -5.63
N4 4AP C . -6.18 -6.08 -7.65
HN1 4AP C . -10.80 -4.32 -6.31
H2 4AP C . -10.48 -4.87 -8.56
H3 4AP C . -8.26 -5.74 -9.31
H5 4AP C . -6.91 -5.34 -5.19
H6 4AP C . -9.18 -4.49 -4.63
HN41 4AP C . -5.97 -6.34 -8.62
HN42 4AP C . -5.43 -6.18 -6.98
#